data_1R9U
#
_entry.id   1R9U
#
_symmetry.space_group_name_H-M   'P 1'
#
_entity_poly.entity_id   1
_entity_poly.type   'polypeptide(L)'
_entity_poly.pdbx_seq_one_letter_code
;(ACE)WIQ(DIV)IT(AIB)L(AIB)(HYP)Q(AIB)(HYP)(AIB)P(PHL)
;
_entity_poly.pdbx_strand_id   A
#
# COMPACT_ATOMS: atom_id res chain seq x y z
N TRP A 2 -6.49 -2.26 -5.73
CA TRP A 2 -5.43 -2.96 -5.02
C TRP A 2 -4.14 -2.13 -5.15
N ILE A 3 -4.00 -1.49 -6.30
CA ILE A 3 -2.80 -0.70 -6.57
C ILE A 3 -2.81 0.55 -5.70
N GLN A 4 -4.01 0.96 -5.31
CA GLN A 4 -4.15 2.06 -4.36
C GLN A 4 -3.85 1.58 -2.95
N ILE A 6 -2.06 -0.86 -2.09
CA ILE A 6 -0.68 -1.30 -1.94
C ILE A 6 0.24 -0.07 -1.89
N THR A 7 -0.16 0.95 -2.63
CA THR A 7 0.60 2.20 -2.65
C THR A 7 0.51 2.90 -1.30
N LEU A 9 -0.09 1.43 1.55
CA LEU A 9 0.47 0.59 2.59
C LEU A 9 1.97 0.45 2.37
N GLN A 12 4.47 1.84 4.73
CA GLN A 12 4.18 1.50 6.11
C GLN A 12 4.74 0.10 6.43
N PRO A 16 8.01 -0.94 10.90
CA PRO A 16 8.06 -1.49 12.25
C PRO A 16 9.01 -2.67 12.34
N TRP A 2 -6.55 -2.14 -5.80
CA TRP A 2 -5.50 -2.89 -5.16
C TRP A 2 -4.21 -2.07 -5.24
N ILE A 3 -4.09 -1.34 -6.34
CA ILE A 3 -2.87 -0.58 -6.60
C ILE A 3 -2.86 0.67 -5.72
N GLN A 4 -4.05 1.10 -5.34
CA GLN A 4 -4.18 2.16 -4.35
C GLN A 4 -3.86 1.64 -2.95
N ILE A 6 -2.06 -0.86 -2.16
CA ILE A 6 -0.68 -1.30 -2.03
C ILE A 6 0.24 -0.07 -1.95
N THR A 7 -0.17 0.97 -2.65
CA THR A 7 0.58 2.22 -2.64
C THR A 7 0.50 2.89 -1.27
N LEU A 9 -0.11 1.32 1.54
CA LEU A 9 0.45 0.45 2.55
C LEU A 9 1.97 0.33 2.35
N GLN A 12 4.43 1.75 4.66
CA GLN A 12 4.10 1.44 6.04
C GLN A 12 4.68 0.07 6.42
N PRO A 16 8.09 -0.97 10.96
CA PRO A 16 8.17 -1.41 12.34
C PRO A 16 9.21 -2.52 12.49
N TRP A 2 -6.78 -1.93 -6.14
CA TRP A 2 -5.83 -2.79 -5.47
C TRP A 2 -4.48 -2.07 -5.44
N ILE A 3 -4.15 -1.44 -6.57
CA ILE A 3 -2.85 -0.80 -6.71
C ILE A 3 -2.74 0.36 -5.73
N GLN A 4 -3.88 1.00 -5.50
CA GLN A 4 -3.93 2.14 -4.60
C GLN A 4 -3.79 1.67 -3.14
N ILE A 6 -2.33 -0.96 -2.11
CA ILE A 6 -0.97 -1.40 -1.89
C ILE A 6 -0.06 -0.18 -1.76
N THR A 7 -0.26 0.77 -2.66
CA THR A 7 0.56 1.97 -2.69
C THR A 7 0.49 2.69 -1.34
N LEU A 9 -0.21 1.40 1.55
CA LEU A 9 0.32 0.59 2.63
C LEU A 9 1.83 0.45 2.47
N GLN A 12 4.47 1.81 4.82
CA GLN A 12 4.22 1.48 6.21
C GLN A 12 4.81 0.11 6.55
N PRO A 16 8.24 -1.08 11.07
CA PRO A 16 8.33 -1.58 12.43
C PRO A 16 9.39 -2.68 12.53
N TRP A 2 -6.69 -2.00 -6.05
CA TRP A 2 -5.78 -2.93 -5.39
C TRP A 2 -4.38 -2.29 -5.36
N ILE A 3 -4.06 -1.61 -6.45
CA ILE A 3 -2.77 -0.97 -6.58
C ILE A 3 -2.71 0.25 -5.66
N GLN A 4 -3.88 0.84 -5.44
CA GLN A 4 -3.98 1.99 -4.56
C GLN A 4 -3.81 1.56 -3.10
N ILE A 6 -2.26 -1.00 -2.13
CA ILE A 6 -0.85 -1.32 -2.00
C ILE A 6 -0.05 -0.04 -1.80
N THR A 7 -0.20 0.87 -2.76
CA THR A 7 0.63 2.06 -2.79
C THR A 7 0.55 2.80 -1.46
N LEU A 9 -0.22 1.64 1.49
CA LEU A 9 0.23 0.88 2.64
C LEU A 9 1.74 0.62 2.50
N GLN A 12 4.45 1.97 4.88
CA GLN A 12 4.23 1.62 6.27
C GLN A 12 4.81 0.24 6.57
N PRO A 16 8.26 -1.17 11.07
CA PRO A 16 8.35 -1.73 12.41
C PRO A 16 9.36 -2.87 12.45
N TRP A 2 -6.78 -1.73 -6.20
CA TRP A 2 -5.87 -2.74 -5.68
C TRP A 2 -4.49 -2.10 -5.55
N ILE A 3 -4.12 -1.34 -6.58
CA ILE A 3 -2.81 -0.71 -6.62
C ILE A 3 -2.76 0.42 -5.60
N GLN A 4 -3.92 1.00 -5.35
CA GLN A 4 -4.02 2.10 -4.40
C GLN A 4 -3.84 1.58 -2.97
N ILE A 6 -2.23 -1.01 -2.19
CA ILE A 6 -0.82 -1.33 -2.09
C ILE A 6 -0.03 -0.05 -1.81
N THR A 7 -0.24 0.93 -2.67
CA THR A 7 0.55 2.16 -2.62
C THR A 7 0.47 2.77 -1.22
N LEU A 9 -0.12 1.27 1.62
CA LEU A 9 0.47 0.43 2.66
C LEU A 9 1.98 0.35 2.45
N GLN A 12 4.51 1.79 4.74
CA GLN A 12 4.22 1.48 6.13
C GLN A 12 4.77 0.09 6.48
N PRO A 16 8.17 -0.91 11.00
CA PRO A 16 8.27 -1.35 12.38
C PRO A 16 9.30 -2.46 12.54
N TRP A 2 -6.61 -2.18 -5.93
CA TRP A 2 -5.56 -2.99 -5.34
C TRP A 2 -4.27 -2.15 -5.32
N ILE A 3 -4.04 -1.46 -6.43
CA ILE A 3 -2.81 -0.70 -6.58
C ILE A 3 -2.82 0.47 -5.59
N GLN A 4 -4.01 0.95 -5.29
CA GLN A 4 -4.17 2.03 -4.33
C GLN A 4 -3.90 1.53 -2.91
N ILE A 6 -2.21 -0.98 -2.14
CA ILE A 6 -0.79 -1.30 -2.08
C ILE A 6 0.00 -0.01 -1.85
N THR A 7 -0.21 0.95 -2.75
CA THR A 7 0.58 2.17 -2.74
C THR A 7 0.51 2.83 -1.36
N LEU A 9 -0.10 1.50 1.54
CA LEU A 9 0.44 0.70 2.62
C LEU A 9 1.95 0.53 2.41
N GLN A 12 4.56 1.86 4.71
CA GLN A 12 4.28 1.55 6.10
C GLN A 12 4.81 0.16 6.44
N PRO A 16 8.09 -1.07 11.04
CA PRO A 16 8.11 -1.54 12.41
C PRO A 16 9.13 -2.67 12.58
N TRP A 2 -6.78 -2.02 -5.90
CA TRP A 2 -5.70 -2.85 -5.40
C TRP A 2 -4.43 -2.02 -5.37
N ILE A 3 -4.17 -1.34 -6.48
CA ILE A 3 -2.94 -0.57 -6.63
C ILE A 3 -2.90 0.52 -5.55
N GLN A 4 -4.08 1.02 -5.21
CA GLN A 4 -4.18 2.06 -4.20
C GLN A 4 -3.88 1.49 -2.82
N ILE A 6 -2.11 -1.08 -2.14
CA ILE A 6 -0.68 -1.38 -2.07
C ILE A 6 0.10 -0.08 -1.89
N THR A 7 -0.25 0.90 -2.71
CA THR A 7 0.50 2.15 -2.75
C THR A 7 0.48 2.82 -1.37
N LEU A 9 -0.02 1.37 1.50
CA LEU A 9 0.55 0.52 2.53
C LEU A 9 2.06 0.42 2.32
N GLN A 12 4.56 1.86 4.66
CA GLN A 12 4.28 1.50 6.04
C GLN A 12 4.83 0.11 6.34
N PRO A 16 7.98 -1.05 10.99
CA PRO A 16 7.96 -1.55 12.35
C PRO A 16 8.99 -2.67 12.54
N TRP A 2 -6.77 -1.84 -6.13
CA TRP A 2 -5.68 -2.66 -5.65
C TRP A 2 -4.42 -1.80 -5.57
N ILE A 3 -4.18 -1.07 -6.64
CA ILE A 3 -2.96 -0.28 -6.75
C ILE A 3 -2.91 0.74 -5.61
N GLN A 4 -4.09 1.24 -5.26
CA GLN A 4 -4.18 2.24 -4.21
C GLN A 4 -3.92 1.61 -2.84
N ILE A 6 -2.24 -0.99 -2.21
CA ILE A 6 -0.85 -1.39 -2.09
C ILE A 6 0.02 -0.15 -1.89
N THR A 7 -0.24 0.86 -2.72
CA THR A 7 0.52 2.09 -2.65
C THR A 7 0.46 2.69 -1.25
N LEU A 9 -0.06 1.08 1.58
CA LEU A 9 0.53 0.21 2.59
C LEU A 9 2.05 0.15 2.36
N GLN A 12 4.51 1.70 4.61
CA GLN A 12 4.21 1.40 6.00
C GLN A 12 4.81 0.06 6.40
N PRO A 16 8.12 -0.86 11.04
CA PRO A 16 8.15 -1.27 12.43
C PRO A 16 9.21 -2.36 12.64
N TRP A 2 -6.55 -2.23 -5.75
CA TRP A 2 -5.46 -2.96 -5.14
C TRP A 2 -4.20 -2.08 -5.22
N ILE A 3 -4.09 -1.38 -6.34
CA ILE A 3 -2.89 -0.60 -6.61
C ILE A 3 -2.87 0.64 -5.70
N GLN A 4 -4.08 1.05 -5.29
CA GLN A 4 -4.20 2.15 -4.34
C GLN A 4 -3.91 1.66 -2.93
N ILE A 6 -2.06 -0.81 -2.15
CA ILE A 6 -0.68 -1.25 -2.04
C ILE A 6 0.23 -0.01 -1.96
N THR A 7 -0.20 1.03 -2.66
CA THR A 7 0.56 2.28 -2.65
C THR A 7 0.48 2.94 -1.27
N LEU A 9 -0.10 1.37 1.54
CA LEU A 9 0.46 0.50 2.55
C LEU A 9 1.97 0.37 2.33
N GLN A 12 4.46 1.74 4.65
CA GLN A 12 4.16 1.38 6.03
C GLN A 12 4.75 0.01 6.35
N PRO A 16 8.00 -1.09 10.87
CA PRO A 16 8.00 -1.47 12.27
C PRO A 16 9.11 -2.48 12.55
N TRP A 2 -6.68 -1.99 -6.01
CA TRP A 2 -5.63 -2.83 -5.47
C TRP A 2 -4.35 -2.00 -5.41
N ILE A 3 -4.09 -1.29 -6.50
CA ILE A 3 -2.86 -0.52 -6.62
C ILE A 3 -2.85 0.58 -5.56
N GLN A 4 -4.04 1.06 -5.23
CA GLN A 4 -4.17 2.12 -4.25
C GLN A 4 -3.91 1.57 -2.85
N ILE A 6 -2.21 -1.00 -2.21
CA ILE A 6 -0.80 -1.32 -2.17
C ILE A 6 0.00 -0.04 -1.91
N THR A 7 -0.26 0.97 -2.72
CA THR A 7 0.54 2.18 -2.70
C THR A 7 0.50 2.82 -1.31
N LEU A 9 -0.06 1.34 1.54
CA LEU A 9 0.49 0.49 2.58
C LEU A 9 2.00 0.35 2.36
N GLN A 12 4.52 1.78 4.61
CA GLN A 12 4.20 1.48 6.00
C GLN A 12 4.75 0.10 6.38
N PRO A 16 8.08 -1.02 11.04
CA PRO A 16 8.14 -1.50 12.41
C PRO A 16 9.20 -2.59 12.57
N TRP A 2 -6.60 -2.14 -5.94
CA TRP A 2 -5.63 -2.98 -5.25
C TRP A 2 -4.28 -2.25 -5.28
N ILE A 3 -4.04 -1.56 -6.38
CA ILE A 3 -2.78 -0.85 -6.56
C ILE A 3 -2.75 0.36 -5.62
N GLN A 4 -3.92 0.90 -5.35
CA GLN A 4 -4.05 2.02 -4.44
C GLN A 4 -3.83 1.56 -3.00
N ILE A 6 -2.17 -0.98 -2.16
CA ILE A 6 -0.75 -1.28 -2.08
C ILE A 6 0.03 0.03 -1.85
N THR A 7 -0.18 0.97 -2.77
CA THR A 7 0.60 2.18 -2.77
C THR A 7 0.54 2.86 -1.41
N LEU A 9 -0.16 1.60 1.50
CA LEU A 9 0.33 0.80 2.60
C LEU A 9 1.83 0.59 2.45
N GLN A 12 4.45 1.91 4.84
CA GLN A 12 4.17 1.56 6.22
C GLN A 12 4.70 0.16 6.53
N PRO A 16 8.22 -1.07 10.98
CA PRO A 16 8.34 -1.55 12.36
C PRO A 16 9.36 -2.70 12.45
N TRP A 2 -6.51 -2.37 -5.79
CA TRP A 2 -5.47 -3.09 -5.09
C TRP A 2 -4.19 -2.26 -5.15
N ILE A 3 -3.98 -1.63 -6.30
CA ILE A 3 -2.76 -0.88 -6.55
C ILE A 3 -2.78 0.40 -5.72
N GLN A 4 -3.99 0.89 -5.47
CA GLN A 4 -4.16 2.04 -4.59
C GLN A 4 -3.90 1.64 -3.13
N ILE A 6 -2.13 -0.79 -2.10
CA ILE A 6 -0.77 -1.24 -1.88
C ILE A 6 0.17 -0.03 -1.90
N THR A 7 -0.20 0.95 -2.69
CA THR A 7 0.56 2.19 -2.76
C THR A 7 0.46 2.97 -1.45
N LEU A 9 -0.29 1.65 1.47
CA LEU A 9 0.21 0.87 2.58
C LEU A 9 1.71 0.66 2.43
N GLN A 12 4.47 2.01 4.80
CA GLN A 12 4.29 1.64 6.19
C GLN A 12 4.87 0.26 6.46
N PRO A 16 8.19 -1.36 10.92
CA PRO A 16 8.19 -1.78 12.30
C PRO A 16 9.28 -2.81 12.57
N TRP A 2 -6.59 -2.07 -5.90
CA TRP A 2 -5.61 -2.93 -5.26
C TRP A 2 -4.27 -2.18 -5.26
N ILE A 3 -4.03 -1.45 -6.33
CA ILE A 3 -2.80 -0.70 -6.49
C ILE A 3 -2.78 0.47 -5.49
N GLN A 4 -3.97 1.01 -5.26
CA GLN A 4 -4.11 2.12 -4.33
C GLN A 4 -3.88 1.63 -2.89
N ILE A 6 -2.03 -0.85 -2.11
CA ILE A 6 -0.64 -1.28 -1.97
C ILE A 6 0.26 -0.04 -1.93
N THR A 7 -0.18 1.00 -2.63
CA THR A 7 0.54 2.25 -2.63
C THR A 7 0.47 2.91 -1.25
N LEU A 9 -0.11 1.36 1.56
CA LEU A 9 0.45 0.49 2.57
C LEU A 9 1.97 0.40 2.36
N GLN A 12 4.48 1.80 4.69
CA GLN A 12 4.19 1.45 6.07
C GLN A 12 4.76 0.06 6.39
N PRO A 16 8.01 -1.01 10.87
CA PRO A 16 8.05 -1.44 12.25
C PRO A 16 9.12 -2.51 12.46
N TRP A 2 -6.68 -2.14 -5.82
CA TRP A 2 -5.61 -2.95 -5.28
C TRP A 2 -4.32 -2.13 -5.33
N ILE A 3 -4.17 -1.39 -6.42
CA ILE A 3 -2.99 -0.57 -6.63
C ILE A 3 -2.93 0.51 -5.54
N GLN A 4 -4.11 0.97 -5.15
CA GLN A 4 -4.20 2.04 -4.17
C GLN A 4 -3.90 1.51 -2.76
N ILE A 6 -2.09 -1.01 -2.23
CA ILE A 6 -0.65 -1.23 -2.27
C ILE A 6 0.07 0.08 -1.98
N THR A 7 -0.20 1.06 -2.82
CA THR A 7 0.56 2.31 -2.79
C THR A 7 0.55 2.90 -1.37
N LEU A 9 -0.01 1.47 1.47
CA LEU A 9 0.52 0.61 2.52
C LEU A 9 2.03 0.43 2.31
N GLN A 12 4.49 1.81 4.63
CA GLN A 12 4.16 1.47 6.00
C GLN A 12 4.72 0.09 6.37
N PRO A 16 8.02 -1.06 11.04
CA PRO A 16 8.08 -1.55 12.40
C PRO A 16 9.12 -2.66 12.55
N TRP A 2 -6.62 -2.06 -5.90
CA TRP A 2 -5.58 -2.89 -5.30
C TRP A 2 -4.27 -2.10 -5.35
N ILE A 3 -4.10 -1.36 -6.43
CA ILE A 3 -2.91 -0.55 -6.60
C ILE A 3 -2.85 0.52 -5.52
N GLN A 4 -4.03 1.00 -5.16
CA GLN A 4 -4.13 2.08 -4.18
C GLN A 4 -3.89 1.53 -2.77
N ILE A 6 -2.13 -1.03 -2.20
CA ILE A 6 -0.70 -1.27 -2.20
C ILE A 6 0.03 0.03 -1.90
N THR A 7 -0.21 1.03 -2.73
CA THR A 7 0.57 2.26 -2.70
C THR A 7 0.54 2.87 -1.30
N LEU A 9 -0.07 1.43 1.53
CA LEU A 9 0.47 0.58 2.57
C LEU A 9 1.97 0.43 2.38
N GLN A 12 4.58 1.75 4.72
CA GLN A 12 4.31 1.42 6.10
C GLN A 12 4.77 -0.01 6.40
N PRO A 16 7.98 -1.01 10.89
CA PRO A 16 8.01 -1.42 12.28
C PRO A 16 9.07 -2.50 12.51
N TRP A 2 -6.56 -2.09 -5.81
CA TRP A 2 -5.49 -2.87 -5.18
C TRP A 2 -4.21 -2.05 -5.27
N ILE A 3 -4.05 -1.36 -6.39
CA ILE A 3 -2.84 -0.59 -6.63
C ILE A 3 -2.83 0.64 -5.73
N GLN A 4 -4.02 1.05 -5.35
CA GLN A 4 -4.17 2.13 -4.37
C GLN A 4 -3.86 1.63 -2.97
N ILE A 6 -2.07 -0.85 -2.16
CA ILE A 6 -0.69 -1.29 -2.04
C ILE A 6 0.23 -0.07 -1.94
N THR A 7 -0.17 0.98 -2.63
CA THR A 7 0.59 2.22 -2.63
C THR A 7 0.51 2.88 -1.26
N LEU A 9 -0.12 1.30 1.54
CA LEU A 9 0.44 0.42 2.55
C LEU A 9 1.95 0.32 2.36
N GLN A 12 4.42 1.76 4.67
CA GLN A 12 4.10 1.45 6.05
C GLN A 12 4.67 0.08 6.43
N PRO A 16 8.10 -0.96 10.95
CA PRO A 16 8.19 -1.40 12.33
C PRO A 16 9.24 -2.51 12.48
N TRP A 2 -6.59 -2.19 -5.97
CA TRP A 2 -5.43 -2.96 -5.53
C TRP A 2 -4.23 -2.01 -5.46
N ILE A 3 -4.08 -1.22 -6.50
CA ILE A 3 -2.93 -0.34 -6.61
C ILE A 3 -2.98 0.70 -5.48
N GLN A 4 -4.21 1.02 -5.07
CA GLN A 4 -4.41 1.98 -4.00
C GLN A 4 -4.03 1.35 -2.65
N ILE A 6 -2.08 -1.06 -2.25
CA ILE A 6 -0.63 -1.23 -2.28
C ILE A 6 0.05 0.09 -1.93
N THR A 7 -0.22 1.10 -2.76
CA THR A 7 0.51 2.36 -2.67
C THR A 7 0.44 2.91 -1.25
N LEU A 9 -0.06 1.32 1.56
CA LEU A 9 0.56 0.48 2.58
C LEU A 9 2.07 0.46 2.36
N GLN A 12 4.66 1.93 4.64
CA GLN A 12 4.43 1.59 6.05
C GLN A 12 4.98 0.20 6.36
N PRO A 16 8.12 -0.79 10.89
CA PRO A 16 8.02 -1.17 12.28
C PRO A 16 8.82 -2.45 12.57
N TRP A 2 -6.66 -2.15 -5.81
CA TRP A 2 -5.62 -2.99 -5.23
C TRP A 2 -4.31 -2.20 -5.25
N ILE A 3 -4.12 -1.47 -6.35
CA ILE A 3 -2.90 -0.72 -6.53
C ILE A 3 -2.88 0.46 -5.56
N GLN A 4 -4.07 0.89 -5.18
CA GLN A 4 -4.21 1.96 -4.20
C GLN A 4 -3.91 1.44 -2.80
N ILE A 6 -2.10 -1.06 -2.16
CA ILE A 6 -0.66 -1.28 -2.15
C ILE A 6 0.05 0.04 -1.89
N THR A 7 -0.21 1.00 -2.77
CA THR A 7 0.53 2.25 -2.76
C THR A 7 0.51 2.87 -1.36
N LEU A 9 -0.06 1.51 1.51
CA LEU A 9 0.50 0.69 2.57
C LEU A 9 2.01 0.54 2.36
N GLN A 12 4.75 1.95 4.71
CA GLN A 12 4.56 1.64 6.11
C GLN A 12 4.93 0.18 6.40
N PRO A 16 7.83 -1.13 10.97
CA PRO A 16 7.79 -1.71 12.30
C PRO A 16 8.80 -2.87 12.43
N TRP A 2 -6.57 -2.16 -5.76
CA TRP A 2 -5.52 -2.90 -5.11
C TRP A 2 -4.23 -2.09 -5.21
N ILE A 3 -4.11 -1.35 -6.30
CA ILE A 3 -2.89 -0.60 -6.58
C ILE A 3 -2.88 0.66 -5.72
N GLN A 4 -4.07 1.10 -5.33
CA GLN A 4 -4.20 2.17 -4.36
C GLN A 4 -3.86 1.66 -2.95
N ILE A 6 -2.05 -0.82 -2.16
CA ILE A 6 -0.66 -1.26 -2.03
C ILE A 6 0.24 -0.03 -1.96
N THR A 7 -0.17 1.00 -2.67
CA THR A 7 0.58 2.25 -2.67
C THR A 7 0.51 2.92 -1.30
N LEU A 9 -0.10 1.39 1.52
CA LEU A 9 0.45 0.51 2.55
C LEU A 9 1.95 0.35 2.34
N GLN A 12 4.42 1.69 4.67
CA GLN A 12 4.09 1.31 6.04
C GLN A 12 4.71 -0.05 6.38
N PRO A 16 8.01 -1.14 10.83
CA PRO A 16 8.01 -1.49 12.24
C PRO A 16 9.18 -2.44 12.57
N TRP A 2 -6.75 -1.96 -6.20
CA TRP A 2 -5.83 -2.94 -5.65
C TRP A 2 -4.46 -2.28 -5.51
N ILE A 3 -4.10 -1.51 -6.54
CA ILE A 3 -2.79 -0.89 -6.58
C ILE A 3 -2.76 0.30 -5.63
N GLN A 4 -3.92 0.88 -5.43
CA GLN A 4 -4.05 2.03 -4.54
C GLN A 4 -3.87 1.59 -3.09
N ILE A 6 -2.28 -0.97 -2.14
CA ILE A 6 -0.89 -1.34 -1.97
C ILE A 6 -0.04 -0.08 -1.80
N THR A 7 -0.20 0.84 -2.74
CA THR A 7 0.62 2.04 -2.76
C THR A 7 0.53 2.76 -1.42
N LEU A 9 -0.21 1.55 1.49
CA LEU A 9 0.30 0.78 2.63
C LEU A 9 1.80 0.57 2.47
N GLN A 12 4.49 1.93 4.84
CA GLN A 12 4.26 1.62 6.24
C GLN A 12 4.81 0.23 6.59
N PRO A 16 8.32 -1.12 11.10
CA PRO A 16 8.43 -1.63 12.45
C PRO A 16 9.46 -2.76 12.53
N TRP A 2 -6.71 -2.06 -5.93
CA TRP A 2 -5.65 -2.89 -5.38
C TRP A 2 -4.37 -2.06 -5.36
N ILE A 3 -4.13 -1.37 -6.46
CA ILE A 3 -2.91 -0.58 -6.61
C ILE A 3 -2.87 0.49 -5.53
N GLN A 4 -4.05 1.00 -5.20
CA GLN A 4 -4.16 2.05 -4.19
C GLN A 4 -3.87 1.49 -2.81
N ILE A 6 -2.13 -1.07 -2.07
CA ILE A 6 -0.71 -1.42 -1.97
C ILE A 6 0.11 -0.14 -1.82
N THR A 7 -0.21 0.84 -2.66
CA THR A 7 0.54 2.08 -2.69
C THR A 7 0.50 2.76 -1.31
N LEU A 9 0.00 1.32 1.55
CA LEU A 9 0.58 0.49 2.58
C LEU A 9 2.09 0.42 2.37
N GLN A 12 4.62 1.90 4.68
CA GLN A 12 4.35 1.56 6.07
C GLN A 12 4.89 0.17 6.40
N PRO A 16 7.94 -0.91 11.01
CA PRO A 16 7.94 -1.50 12.34
C PRO A 16 8.94 -2.65 12.44
N TRP A 2 -6.63 -2.09 -5.98
CA TRP A 2 -5.50 -2.91 -5.57
C TRP A 2 -4.26 -2.00 -5.50
N ILE A 3 -4.14 -1.15 -6.51
CA ILE A 3 -2.97 -0.29 -6.62
C ILE A 3 -2.98 0.73 -5.47
N GLN A 4 -4.19 1.12 -5.09
CA GLN A 4 -4.35 2.08 -4.01
C GLN A 4 -3.98 1.45 -2.67
N ILE A 6 -2.14 -1.07 -2.17
CA ILE A 6 -0.71 -1.36 -2.16
C ILE A 6 0.06 -0.07 -1.90
N THR A 7 -0.20 0.93 -2.73
CA THR A 7 0.58 2.16 -2.70
C THR A 7 0.52 2.79 -1.31
N LEU A 9 -0.01 1.30 1.53
CA LEU A 9 0.57 0.46 2.55
C LEU A 9 2.08 0.38 2.33
N GLN A 12 4.62 1.83 4.59
CA GLN A 12 4.34 1.53 5.98
C GLN A 12 4.87 0.14 6.34
N PRO A 16 8.00 -0.93 11.00
CA PRO A 16 7.96 -1.34 12.39
C PRO A 16 8.99 -2.45 12.67
N TRP A 2 -6.50 -2.22 -5.72
CA TRP A 2 -5.46 -2.91 -4.99
C TRP A 2 -4.16 -2.12 -5.14
N ILE A 3 -4.09 -1.39 -6.25
CA ILE A 3 -2.91 -0.58 -6.53
C ILE A 3 -2.91 0.64 -5.61
N GLN A 4 -4.11 1.07 -5.24
CA GLN A 4 -4.26 2.14 -4.27
C GLN A 4 -3.94 1.64 -2.86
N ILE A 6 -2.02 -0.83 -2.15
CA ILE A 6 -0.63 -1.25 -2.04
C ILE A 6 0.26 -0.01 -2.00
N THR A 7 -0.20 1.03 -2.69
CA THR A 7 0.54 2.30 -2.70
C THR A 7 0.47 2.96 -1.32
N LEU A 9 -0.09 1.40 1.50
CA LEU A 9 0.48 0.53 2.53
C LEU A 9 1.98 0.40 2.29
N GLN A 12 4.45 1.74 4.61
CA GLN A 12 4.15 1.37 5.98
C GLN A 12 4.76 0.00 6.29
N PRO A 16 7.95 -1.20 10.85
CA PRO A 16 7.92 -1.55 12.25
C PRO A 16 9.07 -2.51 12.60
N TRP A 2 -6.57 -2.25 -5.89
CA TRP A 2 -5.46 -3.02 -5.36
C TRP A 2 -4.21 -2.14 -5.37
N ILE A 3 -4.06 -1.39 -6.44
CA ILE A 3 -2.88 -0.56 -6.63
C ILE A 3 -2.87 0.54 -5.57
N GLN A 4 -4.06 0.99 -5.21
CA GLN A 4 -4.19 2.08 -4.26
C GLN A 4 -3.94 1.57 -2.84
N ILE A 6 -2.20 -0.98 -2.17
CA ILE A 6 -0.78 -1.27 -2.15
C ILE A 6 0.00 0.02 -1.89
N THR A 7 -0.25 1.01 -2.75
CA THR A 7 0.54 2.23 -2.73
C THR A 7 0.51 2.86 -1.34
N LEU A 9 -0.07 1.46 1.53
CA LEU A 9 0.49 0.63 2.59
C LEU A 9 1.98 0.47 2.38
N GLN A 12 4.57 1.89 4.65
CA GLN A 12 4.27 1.61 6.04
C GLN A 12 4.78 0.21 6.41
N PRO A 16 8.07 -1.05 11.02
CA PRO A 16 8.11 -1.55 12.38
C PRO A 16 9.10 -2.72 12.50
#